data_4FEN
#
_entry.id   4FEN
#
_cell.length_a   133.689
_cell.length_b   35.347
_cell.length_c   41.388
_cell.angle_alpha   90.00
_cell.angle_beta   91.39
_cell.angle_gamma   90.00
#
_symmetry.space_group_name_H-M   'C 1 2 1'
#
loop_
_entity.id
_entity.type
_entity.pdbx_description
1 polymer 'A24U/U25A/A46G mutant of the B. subtilis xpt-pbuX guanine riboswitch aptamer domain'
2 non-polymer HYPOXANTHINE
3 non-polymer 'ACETATE ION'
4 non-polymer 'COBALT HEXAMMINE(III)'
5 water water
#
_entity_poly.entity_id   1
_entity_poly.type   'polyribonucleotide'
_entity_poly.pdbx_seq_one_letter_code
;GGACAUAUAUACGCGUGGAUAUGGCACGCGAGUUUCUACCGGGCACCGUAAAUGUCCGACUAUGUCC
;
_entity_poly.pdbx_strand_id   B
#
loop_
_chem_comp.id
_chem_comp.type
_chem_comp.name
_chem_comp.formula
A RNA linking ADENOSINE-5'-MONOPHOSPHATE 'C10 H14 N5 O7 P'
ACT non-polymer 'ACETATE ION' 'C2 H3 O2 -1'
C RNA linking CYTIDINE-5'-MONOPHOSPHATE 'C9 H14 N3 O8 P'
G RNA linking GUANOSINE-5'-MONOPHOSPHATE 'C10 H14 N5 O8 P'
HPA non-polymer HYPOXANTHINE 'C5 H4 N4 O'
NCO non-polymer 'COBALT HEXAMMINE(III)' 'Co H18 N6 3'
U RNA linking URIDINE-5'-MONOPHOSPHATE 'C9 H13 N2 O9 P'
#
# COMPACT_ATOMS: atom_id res chain seq x y z
N1 HPA B . -13.59 -2.98 2.83
C2 HPA B . -14.05 -2.38 1.68
N3 HPA B . -14.50 -3.09 0.64
C4 HPA B . -14.45 -4.43 0.83
C5 HPA B . -13.99 -5.10 1.96
C6 HPA B . -13.51 -4.35 3.07
O6 HPA B . -13.08 -4.73 4.16
N7 HPA B . -14.10 -6.45 1.73
C8 HPA B . -14.62 -6.59 0.49
N9 HPA B . -14.84 -5.36 -0.09
C ACT C . 9.77 2.97 -4.72
O ACT C . 9.65 3.98 -3.99
OXT ACT C . 9.86 2.93 -6.02
CH3 ACT C . 9.83 1.63 -4.01
CO NCO D . 8.27 -7.34 -6.40
N1 NCO D . 9.91 -6.33 -6.72
N2 NCO D . 6.61 -8.35 -6.09
N3 NCO D . 9.24 -8.57 -5.23
N4 NCO D . 7.29 -6.11 -7.59
N5 NCO D . 7.86 -6.18 -4.87
N6 NCO D . 8.67 -8.49 -7.94
CO NCO E . 4.23 1.95 3.60
N1 NCO E . 5.12 1.46 5.28
N2 NCO E . 3.34 2.44 1.92
N3 NCO E . 2.63 2.48 4.60
N4 NCO E . 5.84 1.42 2.60
N5 NCO E . 4.94 3.78 3.76
N6 NCO E . 3.53 0.13 3.44
CO NCO F . 4.60 11.34 1.83
N1 NCO F . 5.60 10.18 3.07
N2 NCO F . 3.60 12.48 0.59
N3 NCO F . 2.92 10.46 2.38
N4 NCO F . 6.26 12.21 1.29
N5 NCO F . 4.35 12.67 3.25
N6 NCO F . 4.83 10.00 0.42
CO NCO G . 9.67 1.14 -11.95
N1 NCO G . 11.17 0.90 -10.71
N2 NCO G . 8.17 1.40 -13.17
N3 NCO G . 9.30 -0.78 -11.89
N4 NCO G . 10.03 3.08 -11.99
N5 NCO G . 8.46 1.41 -10.42
N6 NCO G . 10.88 0.89 -13.47
CO NCO H . 11.58 7.65 6.71
N1 NCO H . 11.99 7.02 8.53
N2 NCO H . 11.18 8.27 4.90
N3 NCO H . 10.93 5.85 6.24
N4 NCO H . 12.24 9.43 7.19
N5 NCO H . 9.78 8.15 7.28
N6 NCO H . 13.39 7.14 6.14
CO NCO I . -14.12 -5.02 -9.84
N1 NCO I . -13.78 -3.98 -8.21
N2 NCO I . -14.47 -6.05 -11.47
N3 NCO I . -16.02 -4.53 -9.75
N4 NCO I . -12.22 -5.51 -9.94
N5 NCO I . -13.76 -3.42 -10.94
N6 NCO I . -14.47 -6.61 -8.75
CO NCO J . -9.71 -4.87 16.26
N1 NCO J . -10.68 -5.71 17.74
N2 NCO J . -8.72 -4.04 14.77
N3 NCO J . -11.31 -4.97 15.13
N4 NCO J . -8.10 -4.77 17.38
N5 NCO J . -10.26 -3.10 16.89
N6 NCO J . -9.14 -6.65 15.63
#